data_1XWJ
#
_entry.id   1XWJ
#
_cell.length_a   52.173
_cell.length_b   72.434
_cell.length_c   96.372
_cell.angle_alpha   90.00
_cell.angle_beta   90.00
_cell.angle_gamma   90.00
#
_symmetry.space_group_name_H-M   'P 21 21 2'
#
loop_
_entity.id
_entity.type
_entity.pdbx_description
1 polymer Vinculin
2 polymer Talin
3 water water
#
loop_
_entity_poly.entity_id
_entity_poly.type
_entity_poly.pdbx_seq_one_letter_code
_entity_poly.pdbx_strand_id
1 'polypeptide(L)'
;MGSSHHHHHHSSGLVPRGSHMMPVFHTRTIESILEPVAQQISHLVIMHEEGEVDGKAIPDLTAPVSAVQAAVSNLVRVGK
ETVQTTEDQILKRDMPPAFIKVENACTKLVRAAQMLQADPYSVPARDYLIDGSRGILSGTSDLLLTFDEAEVRKIIRVCK
GILEYLTVAEVVETMEDLVTYTKNLGPGMTKMAKMIDERQQELTHQEHRVMLVNSMNTVKELLPVLISAMKIFVTTKNTK
SQGIEEALKNRNFTVEKMSAEINEIIRVLQLTSWDEDAWA
;
A
2 'polypeptide(L)' YTKKELIESARKVSEKVSHVLAALQA B
#
# COMPACT_ATOMS: atom_id res chain seq x y z
N MET A 21 15.71 0.53 5.59
CA MET A 21 15.48 -0.25 4.35
C MET A 21 16.32 0.29 3.22
N MET A 22 16.85 -0.60 2.39
CA MET A 22 17.68 -0.20 1.26
C MET A 22 16.80 0.28 0.10
N PRO A 23 15.87 -0.56 -0.37
CA PRO A 23 15.01 -0.14 -1.47
C PRO A 23 14.14 1.03 -1.04
N VAL A 24 13.80 1.90 -1.99
CA VAL A 24 12.96 3.03 -1.66
C VAL A 24 11.65 2.48 -1.09
N PHE A 25 11.02 3.20 -0.18
CA PHE A 25 9.78 2.72 0.38
C PHE A 25 8.64 2.83 -0.62
N HIS A 26 7.82 1.79 -0.63
CA HIS A 26 6.68 1.66 -1.53
C HIS A 26 5.76 2.85 -1.76
N THR A 27 5.45 3.62 -0.73
CA THR A 27 4.54 4.76 -0.89
C THR A 27 5.01 5.98 -0.13
N ARG A 28 4.39 7.11 -0.39
CA ARG A 28 4.76 8.34 0.28
C ARG A 28 4.45 8.32 1.77
N THR A 29 3.38 7.62 2.14
CA THR A 29 3.00 7.53 3.55
C THR A 29 3.98 6.67 4.33
N ILE A 30 4.34 5.52 3.77
CA ILE A 30 5.27 4.65 4.44
C ILE A 30 6.63 5.35 4.53
N GLU A 31 7.05 5.95 3.42
CA GLU A 31 8.31 6.67 3.36
C GLU A 31 8.34 7.71 4.48
N SER A 32 7.24 8.44 4.62
CA SER A 32 7.10 9.47 5.64
C SER A 32 7.27 8.95 7.08
N ILE A 33 6.76 7.75 7.35
CA ILE A 33 6.84 7.17 8.68
C ILE A 33 8.18 6.50 8.97
N LEU A 34 8.71 5.73 8.01
CA LEU A 34 9.95 5.03 8.25
C LEU A 34 11.26 5.69 7.86
N GLU A 35 11.35 6.23 6.65
CA GLU A 35 12.58 6.85 6.17
C GLU A 35 13.44 7.54 7.21
N PRO A 36 12.85 8.45 8.00
CA PRO A 36 13.58 9.18 9.04
C PRO A 36 14.20 8.31 10.13
N VAL A 37 13.46 7.33 10.60
CA VAL A 37 13.98 6.46 11.65
C VAL A 37 15.01 5.51 11.05
N ALA A 38 14.83 5.17 9.79
CA ALA A 38 15.77 4.29 9.12
C ALA A 38 17.09 5.04 9.01
N GLN A 39 17.02 6.34 8.79
CA GLN A 39 18.25 7.11 8.73
C GLN A 39 18.96 7.07 10.08
N GLN A 40 18.20 7.26 11.16
CA GLN A 40 18.77 7.21 12.50
C GLN A 40 19.46 5.89 12.79
N ILE A 41 18.81 4.79 12.46
CA ILE A 41 19.42 3.50 12.70
C ILE A 41 20.77 3.44 11.96
N SER A 42 20.82 4.04 10.78
CA SER A 42 22.07 4.08 10.01
C SER A 42 23.13 4.85 10.77
N HIS A 43 22.74 6.03 11.29
CA HIS A 43 23.64 6.87 12.05
C HIS A 43 24.13 6.09 13.29
N LEU A 44 23.22 5.39 13.96
CA LEU A 44 23.57 4.60 15.14
C LEU A 44 24.50 3.45 14.75
N VAL A 45 24.28 2.88 13.57
CA VAL A 45 25.13 1.80 13.08
C VAL A 45 26.53 2.39 12.87
N ILE A 46 26.62 3.46 12.08
CA ILE A 46 27.89 4.12 11.83
C ILE A 46 28.55 4.51 13.15
N MET A 47 27.76 5.07 14.06
CA MET A 47 28.27 5.48 15.37
C MET A 47 28.86 4.31 16.17
N HIS A 48 27.98 3.58 16.85
CA HIS A 48 28.39 2.46 17.70
C HIS A 48 28.85 1.22 16.96
N GLU A 49 27.93 0.28 16.77
CA GLU A 49 28.26 -0.97 16.12
C GLU A 49 28.49 -0.87 14.61
N GLU A 50 29.68 -1.29 14.18
CA GLU A 50 30.12 -1.27 12.79
C GLU A 50 30.65 0.12 12.45
N GLY A 51 31.02 0.86 13.50
CA GLY A 51 31.55 2.20 13.29
C GLY A 51 32.66 2.55 14.25
N GLU A 52 33.22 3.75 14.08
CA GLU A 52 34.30 4.26 14.90
C GLU A 52 33.96 4.31 16.40
N VAL A 53 34.65 3.49 17.20
CA VAL A 53 34.42 3.43 18.65
C VAL A 53 32.94 3.17 18.97
N ASP A 54 32.58 3.28 20.25
CA ASP A 54 31.19 3.06 20.70
C ASP A 54 31.02 3.10 22.21
N GLY A 55 32.13 2.88 22.93
CA GLY A 55 32.05 2.87 24.38
C GLY A 55 32.52 4.14 25.05
N LYS A 56 31.60 5.06 25.29
CA LYS A 56 31.92 6.31 25.95
C LYS A 56 30.75 6.74 26.81
N ALA A 57 30.01 5.76 27.30
CA ALA A 57 28.84 5.95 28.15
C ALA A 57 27.56 6.12 27.32
N ILE A 58 26.45 5.66 27.88
CA ILE A 58 25.13 5.72 27.25
C ILE A 58 24.07 6.03 28.31
N PRO A 59 23.55 7.28 28.35
CA PRO A 59 22.53 7.67 29.33
C PRO A 59 21.37 6.68 29.53
N ASP A 60 20.59 6.89 30.58
CA ASP A 60 19.47 6.01 30.91
C ASP A 60 18.36 5.99 29.87
N LEU A 61 18.13 4.82 29.27
CA LEU A 61 17.11 4.69 28.25
C LEU A 61 15.75 4.24 28.76
N THR A 62 15.66 3.96 30.05
CA THR A 62 14.41 3.50 30.66
C THR A 62 13.18 4.34 30.32
N ALA A 63 13.33 5.65 30.33
CA ALA A 63 12.20 6.52 30.02
C ALA A 63 11.73 6.32 28.56
N PRO A 64 12.55 6.72 27.59
CA PRO A 64 12.15 6.55 26.19
C PRO A 64 11.74 5.12 25.79
N VAL A 65 12.51 4.14 26.23
CA VAL A 65 12.19 2.75 25.91
C VAL A 65 10.80 2.34 26.42
N SER A 66 10.35 2.95 27.51
CA SER A 66 9.02 2.62 28.04
C SER A 66 7.96 3.19 27.12
N ALA A 67 8.28 4.35 26.56
CA ALA A 67 7.40 5.04 25.63
C ALA A 67 7.21 4.16 24.36
N VAL A 68 8.29 3.52 23.90
CA VAL A 68 8.15 2.66 22.72
C VAL A 68 7.20 1.51 23.04
N GLN A 69 7.38 0.91 24.21
CA GLN A 69 6.54 -0.20 24.64
C GLN A 69 5.06 0.21 24.58
N ALA A 70 4.74 1.35 25.19
CA ALA A 70 3.37 1.82 25.17
C ALA A 70 2.93 1.90 23.71
N ALA A 71 3.57 2.77 22.95
CA ALA A 71 3.24 2.92 21.53
C ALA A 71 3.03 1.55 20.89
N VAL A 72 4.02 0.67 21.03
CA VAL A 72 3.89 -0.65 20.44
C VAL A 72 2.63 -1.34 20.94
N SER A 73 2.35 -1.20 22.23
CA SER A 73 1.16 -1.78 22.83
C SER A 73 -0.10 -1.28 22.11
N ASN A 74 -0.16 0.01 21.82
CA ASN A 74 -1.32 0.57 21.12
C ASN A 74 -1.43 0.07 19.67
N LEU A 75 -0.30 0.02 18.98
CA LEU A 75 -0.26 -0.42 17.60
C LEU A 75 -0.80 -1.83 17.51
N VAL A 76 -0.43 -2.68 18.45
CA VAL A 76 -0.90 -4.06 18.44
C VAL A 76 -2.37 -4.07 18.80
N ARG A 77 -2.81 -3.07 19.57
CA ARG A 77 -4.21 -2.97 19.97
C ARG A 77 -5.07 -2.67 18.77
N VAL A 78 -4.66 -1.65 18.02
CA VAL A 78 -5.35 -1.21 16.82
C VAL A 78 -5.31 -2.30 15.75
N GLY A 79 -4.15 -2.89 15.57
CA GLY A 79 -4.01 -3.93 14.57
C GLY A 79 -4.91 -5.13 14.79
N LYS A 80 -5.03 -5.57 16.04
CA LYS A 80 -5.87 -6.72 16.36
C LYS A 80 -7.36 -6.46 16.09
N GLU A 81 -7.81 -5.25 16.38
CA GLU A 81 -9.19 -4.93 16.11
C GLU A 81 -9.34 -5.02 14.60
N THR A 82 -8.35 -4.51 13.90
CA THR A 82 -8.35 -4.54 12.45
C THR A 82 -8.55 -5.96 11.98
N VAL A 83 -7.82 -6.89 12.57
CA VAL A 83 -7.91 -8.30 12.21
C VAL A 83 -9.32 -8.89 12.35
N GLN A 84 -9.94 -8.72 13.52
CA GLN A 84 -11.28 -9.26 13.73
C GLN A 84 -12.39 -8.37 13.18
N THR A 85 -12.03 -7.44 12.30
CA THR A 85 -12.99 -6.51 11.72
C THR A 85 -12.98 -6.50 10.20
N THR A 86 -11.82 -6.75 9.61
CA THR A 86 -11.69 -6.74 8.16
C THR A 86 -12.32 -7.98 7.53
N GLU A 87 -12.63 -7.88 6.25
CA GLU A 87 -13.21 -8.99 5.53
C GLU A 87 -12.12 -9.68 4.74
N ASP A 88 -11.06 -8.95 4.44
CA ASP A 88 -9.93 -9.50 3.69
C ASP A 88 -9.34 -10.67 4.48
N GLN A 89 -9.12 -11.78 3.82
CA GLN A 89 -8.59 -12.96 4.48
C GLN A 89 -7.07 -12.87 4.63
N ILE A 90 -6.38 -12.45 3.57
CA ILE A 90 -4.93 -12.31 3.59
C ILE A 90 -4.49 -11.41 4.74
N LEU A 91 -5.18 -10.28 4.88
CA LEU A 91 -4.87 -9.34 5.94
C LEU A 91 -4.99 -10.09 7.28
N LYS A 92 -6.01 -10.92 7.39
CA LYS A 92 -6.27 -11.69 8.61
C LYS A 92 -5.15 -12.67 8.95
N ARG A 93 -4.45 -13.20 7.95
CA ARG A 93 -3.36 -14.13 8.24
C ARG A 93 -2.02 -13.42 8.35
N ASP A 94 -1.82 -12.41 7.50
CA ASP A 94 -0.56 -11.67 7.43
C ASP A 94 -0.20 -10.66 8.51
N MET A 95 -1.21 -10.03 9.09
CA MET A 95 -0.97 -9.01 10.11
C MET A 95 -0.50 -9.55 11.48
N PRO A 96 -1.12 -10.61 11.99
CA PRO A 96 -0.77 -11.21 13.29
C PRO A 96 0.71 -11.52 13.53
N PRO A 97 1.45 -11.99 12.50
CA PRO A 97 2.87 -12.27 12.72
C PRO A 97 3.64 -10.96 12.94
N ALA A 98 3.11 -9.87 12.39
CA ALA A 98 3.75 -8.57 12.55
C ALA A 98 3.66 -8.10 14.01
N PHE A 99 2.56 -8.44 14.67
CA PHE A 99 2.38 -8.06 16.08
C PHE A 99 3.49 -8.71 16.87
N ILE A 100 3.67 -10.00 16.65
CA ILE A 100 4.70 -10.75 17.32
C ILE A 100 6.07 -10.16 17.05
N LYS A 101 6.43 -10.07 15.77
CA LYS A 101 7.73 -9.54 15.42
C LYS A 101 7.97 -8.24 16.16
N VAL A 102 7.01 -7.33 16.11
CA VAL A 102 7.13 -6.06 16.80
C VAL A 102 7.23 -6.26 18.32
N GLU A 103 6.31 -7.03 18.89
CA GLU A 103 6.33 -7.27 20.32
C GLU A 103 7.65 -7.88 20.77
N ASN A 104 8.15 -8.87 20.03
CA ASN A 104 9.39 -9.51 20.42
C ASN A 104 10.55 -8.52 20.29
N ALA A 105 10.53 -7.69 19.25
CA ALA A 105 11.60 -6.72 19.06
C ALA A 105 11.65 -5.75 20.23
N CYS A 106 10.47 -5.37 20.70
CA CYS A 106 10.34 -4.46 21.83
C CYS A 106 11.01 -5.06 23.07
N THR A 107 10.85 -6.36 23.22
CA THR A 107 11.45 -7.07 24.35
C THR A 107 12.96 -6.84 24.38
N LYS A 108 13.62 -6.94 23.24
CA LYS A 108 15.06 -6.70 23.16
C LYS A 108 15.42 -5.28 23.60
N LEU A 109 14.61 -4.31 23.22
CA LEU A 109 14.86 -2.93 23.58
C LEU A 109 14.84 -2.76 25.10
N VAL A 110 13.87 -3.41 25.75
CA VAL A 110 13.73 -3.35 27.21
C VAL A 110 14.93 -4.05 27.87
N ARG A 111 15.33 -5.19 27.33
CA ARG A 111 16.47 -5.89 27.92
C ARG A 111 17.73 -5.04 27.76
N ALA A 112 17.80 -4.30 26.67
CA ALA A 112 18.95 -3.45 26.39
C ALA A 112 19.05 -2.30 27.37
N ALA A 113 17.95 -1.61 27.60
CA ALA A 113 17.95 -0.49 28.53
C ALA A 113 18.45 -1.00 29.87
N GLN A 114 17.90 -2.14 30.26
CA GLN A 114 18.25 -2.77 31.51
C GLN A 114 19.77 -2.99 31.58
N MET A 115 20.33 -3.70 30.60
CA MET A 115 21.76 -3.94 30.58
C MET A 115 22.51 -2.63 30.66
N LEU A 116 22.15 -1.68 29.80
CA LEU A 116 22.81 -0.38 29.81
C LEU A 116 22.82 0.26 31.20
N GLN A 117 21.73 0.14 31.94
CA GLN A 117 21.69 0.70 33.28
C GLN A 117 22.73 0.06 34.18
N ALA A 118 23.02 -1.22 33.94
CA ALA A 118 24.01 -1.92 34.73
C ALA A 118 25.39 -1.60 34.18
N ASP A 119 25.48 -1.40 32.87
CA ASP A 119 26.76 -1.10 32.25
C ASP A 119 26.60 -0.25 30.98
N PRO A 120 26.90 1.04 31.07
CA PRO A 120 26.79 1.97 29.94
C PRO A 120 27.69 1.58 28.77
N TYR A 121 28.69 0.77 29.04
CA TYR A 121 29.62 0.36 27.99
C TYR A 121 29.37 -1.03 27.44
N SER A 122 28.28 -1.65 27.86
CA SER A 122 27.93 -2.99 27.38
C SER A 122 27.68 -3.02 25.87
N VAL A 123 28.49 -3.77 25.12
CA VAL A 123 28.29 -3.85 23.68
C VAL A 123 27.13 -4.77 23.27
N PRO A 124 26.91 -5.86 24.01
CA PRO A 124 25.80 -6.74 23.63
C PRO A 124 24.49 -6.00 23.79
N ALA A 125 24.50 -5.00 24.66
CA ALA A 125 23.32 -4.19 24.89
C ALA A 125 23.16 -3.25 23.71
N ARG A 126 24.28 -2.70 23.24
CA ARG A 126 24.25 -1.79 22.09
C ARG A 126 23.76 -2.61 20.90
N ASP A 127 24.25 -3.84 20.80
CA ASP A 127 23.82 -4.73 19.73
C ASP A 127 22.32 -4.93 19.86
N TYR A 128 21.84 -5.06 21.08
CA TYR A 128 20.42 -5.21 21.33
C TYR A 128 19.64 -3.97 20.90
N LEU A 129 20.18 -2.77 21.11
CA LEU A 129 19.47 -1.54 20.71
C LEU A 129 19.19 -1.52 19.22
N ILE A 130 20.24 -1.79 18.45
CA ILE A 130 20.13 -1.83 17.01
C ILE A 130 19.18 -2.95 16.60
N ASP A 131 19.39 -4.14 17.15
CA ASP A 131 18.53 -5.27 16.86
C ASP A 131 17.07 -4.99 17.21
N GLY A 132 16.83 -4.47 18.39
CA GLY A 132 15.47 -4.18 18.82
C GLY A 132 14.83 -3.08 17.99
N SER A 133 15.62 -2.10 17.56
CA SER A 133 15.09 -1.01 16.75
C SER A 133 14.71 -1.53 15.38
N ARG A 134 15.58 -2.34 14.80
CA ARG A 134 15.35 -2.92 13.49
C ARG A 134 14.09 -3.77 13.47
N GLY A 135 13.94 -4.62 14.48
CA GLY A 135 12.76 -5.46 14.55
C GLY A 135 11.47 -4.66 14.58
N ILE A 136 11.46 -3.53 15.28
CA ILE A 136 10.27 -2.74 15.37
C ILE A 136 9.97 -2.04 14.05
N LEU A 137 11.00 -1.50 13.40
CA LEU A 137 10.76 -0.85 12.13
C LEU A 137 10.39 -1.85 11.05
N SER A 138 11.07 -2.99 11.04
CA SER A 138 10.81 -4.03 10.06
C SER A 138 9.40 -4.58 10.24
N GLY A 139 9.05 -4.88 11.49
CA GLY A 139 7.73 -5.40 11.78
C GLY A 139 6.66 -4.35 11.54
N THR A 140 7.01 -3.08 11.70
CA THR A 140 6.04 -2.02 11.46
C THR A 140 5.90 -1.85 9.96
N SER A 141 6.98 -2.18 9.24
CA SER A 141 6.99 -2.09 7.80
C SER A 141 6.06 -3.18 7.26
N ASP A 142 6.23 -4.41 7.74
CA ASP A 142 5.38 -5.51 7.27
C ASP A 142 3.90 -5.19 7.49
N LEU A 143 3.61 -4.55 8.62
CA LEU A 143 2.25 -4.20 8.97
C LEU A 143 1.65 -3.20 7.98
N LEU A 144 2.46 -2.25 7.55
CA LEU A 144 2.00 -1.24 6.61
C LEU A 144 1.91 -1.78 5.18
N LEU A 145 2.80 -2.68 4.81
CA LEU A 145 2.74 -3.25 3.48
C LEU A 145 1.53 -4.18 3.41
N THR A 146 1.27 -4.91 4.48
CA THR A 146 0.14 -5.82 4.53
C THR A 146 -1.13 -5.02 4.37
N PHE A 147 -1.22 -3.94 5.12
CA PHE A 147 -2.35 -3.06 5.07
C PHE A 147 -2.48 -2.45 3.67
N ASP A 148 -1.34 -2.03 3.13
CA ASP A 148 -1.31 -1.44 1.80
C ASP A 148 -1.78 -2.46 0.77
N GLU A 149 -1.27 -3.68 0.89
CA GLU A 149 -1.64 -4.77 -0.02
C GLU A 149 -3.15 -4.99 0.01
N ALA A 150 -3.74 -4.90 1.20
CA ALA A 150 -5.18 -5.09 1.33
C ALA A 150 -5.93 -3.95 0.63
N GLU A 151 -5.36 -2.74 0.66
CA GLU A 151 -6.01 -1.62 0.00
C GLU A 151 -5.97 -1.74 -1.51
N VAL A 152 -4.84 -2.17 -2.06
CA VAL A 152 -4.74 -2.33 -3.50
C VAL A 152 -5.71 -3.41 -3.98
N ARG A 153 -5.97 -4.39 -3.12
CA ARG A 153 -6.90 -5.45 -3.49
C ARG A 153 -8.30 -4.91 -3.62
N LYS A 154 -8.60 -3.80 -2.94
CA LYS A 154 -9.92 -3.18 -3.05
C LYS A 154 -10.03 -2.49 -4.42
N ILE A 155 -8.94 -1.84 -4.83
CA ILE A 155 -8.94 -1.17 -6.12
C ILE A 155 -9.08 -2.22 -7.23
N ILE A 156 -8.29 -3.29 -7.14
CA ILE A 156 -8.35 -4.35 -8.14
C ILE A 156 -9.77 -4.88 -8.25
N ARG A 157 -10.39 -5.14 -7.10
CA ARG A 157 -11.76 -5.65 -7.07
C ARG A 157 -12.60 -4.77 -7.96
N VAL A 158 -12.45 -3.46 -7.83
CA VAL A 158 -13.21 -2.55 -8.66
C VAL A 158 -12.87 -2.77 -10.13
N CYS A 159 -11.57 -2.84 -10.43
CA CYS A 159 -11.12 -3.03 -11.80
C CYS A 159 -11.63 -4.31 -12.44
N LYS A 160 -11.60 -5.40 -11.69
CA LYS A 160 -12.07 -6.67 -12.24
C LYS A 160 -13.57 -6.63 -12.43
N GLY A 161 -14.24 -5.81 -11.63
CA GLY A 161 -15.69 -5.68 -11.73
C GLY A 161 -16.05 -4.97 -13.01
N ILE A 162 -15.25 -3.98 -13.36
CA ILE A 162 -15.45 -3.22 -14.58
C ILE A 162 -15.11 -4.13 -15.76
N LEU A 163 -14.15 -5.02 -15.55
CA LEU A 163 -13.72 -5.98 -16.57
C LEU A 163 -14.88 -6.93 -16.87
N GLU A 164 -15.46 -7.43 -15.80
CA GLU A 164 -16.58 -8.37 -15.85
C GLU A 164 -17.77 -7.77 -16.62
N TYR A 165 -18.08 -6.51 -16.32
CA TYR A 165 -19.20 -5.83 -16.96
C TYR A 165 -18.92 -5.49 -18.42
N LEU A 166 -17.69 -5.12 -18.71
CA LEU A 166 -17.29 -4.78 -20.06
C LEU A 166 -17.56 -5.98 -20.96
N THR A 167 -17.46 -7.17 -20.38
CA THR A 167 -17.69 -8.39 -21.13
C THR A 167 -19.17 -8.58 -21.44
N VAL A 168 -19.99 -7.65 -20.96
CA VAL A 168 -21.44 -7.70 -21.17
C VAL A 168 -21.89 -6.84 -22.35
N ALA A 169 -21.04 -5.89 -22.74
CA ALA A 169 -21.35 -5.03 -23.87
C ALA A 169 -21.66 -5.91 -25.08
N GLU A 170 -21.11 -7.12 -25.06
CA GLU A 170 -21.29 -8.09 -26.14
C GLU A 170 -22.77 -8.31 -26.48
N VAL A 171 -23.63 -8.35 -25.45
CA VAL A 171 -25.05 -8.50 -25.70
C VAL A 171 -25.48 -7.06 -25.96
N VAL A 172 -26.61 -6.63 -25.42
CA VAL A 172 -27.05 -5.25 -25.67
C VAL A 172 -27.34 -5.13 -27.15
N GLU A 173 -28.63 -5.06 -27.47
CA GLU A 173 -29.04 -4.95 -28.86
C GLU A 173 -30.19 -3.97 -28.98
N THR A 174 -30.39 -3.18 -27.94
CA THR A 174 -31.47 -2.21 -27.91
C THR A 174 -30.99 -0.90 -27.34
N MET A 175 -31.61 0.20 -27.74
CA MET A 175 -31.22 1.48 -27.21
C MET A 175 -31.56 1.47 -25.73
N GLU A 176 -32.68 0.83 -25.39
CA GLU A 176 -33.10 0.75 -24.00
C GLU A 176 -31.97 0.20 -23.14
N ASP A 177 -31.51 -1.01 -23.46
CA ASP A 177 -30.43 -1.65 -22.72
C ASP A 177 -29.16 -0.82 -22.81
N LEU A 178 -28.82 -0.37 -24.01
CA LEU A 178 -27.62 0.43 -24.20
C LEU A 178 -27.65 1.60 -23.22
N VAL A 179 -28.83 2.15 -22.97
CA VAL A 179 -28.91 3.26 -22.04
C VAL A 179 -28.71 2.75 -20.61
N THR A 180 -29.23 1.56 -20.33
CA THR A 180 -29.09 0.95 -19.02
C THR A 180 -27.61 0.65 -18.78
N TYR A 181 -27.04 -0.15 -19.68
CA TYR A 181 -25.63 -0.53 -19.62
C TYR A 181 -24.80 0.72 -19.36
N THR A 182 -25.16 1.79 -20.05
CA THR A 182 -24.44 3.03 -19.89
C THR A 182 -24.64 3.54 -18.48
N LYS A 183 -25.88 3.51 -18.00
CA LYS A 183 -26.20 3.99 -16.65
C LYS A 183 -25.43 3.24 -15.56
N ASN A 184 -24.89 2.07 -15.88
CA ASN A 184 -24.14 1.29 -14.90
C ASN A 184 -22.61 1.45 -15.02
N LEU A 185 -22.08 1.30 -16.22
CA LEU A 185 -20.65 1.42 -16.45
C LEU A 185 -20.10 2.81 -16.19
N GLY A 186 -20.97 3.82 -16.28
CA GLY A 186 -20.54 5.18 -16.04
C GLY A 186 -19.94 5.41 -14.67
N PRO A 187 -20.68 5.16 -13.58
CA PRO A 187 -20.16 5.37 -12.23
C PRO A 187 -19.02 4.42 -11.90
N GLY A 188 -19.00 3.26 -12.55
CA GLY A 188 -17.92 2.32 -12.30
C GLY A 188 -16.65 3.01 -12.72
N MET A 189 -16.63 3.48 -13.96
CA MET A 189 -15.48 4.19 -14.50
C MET A 189 -15.07 5.33 -13.57
N THR A 190 -16.04 6.13 -13.16
CA THR A 190 -15.79 7.27 -12.27
C THR A 190 -15.16 6.82 -10.95
N LYS A 191 -15.62 5.68 -10.44
CA LYS A 191 -15.08 5.15 -9.19
C LYS A 191 -13.65 4.63 -9.36
N MET A 192 -13.40 3.88 -10.42
CA MET A 192 -12.05 3.36 -10.68
C MET A 192 -11.09 4.51 -10.95
N ALA A 193 -11.60 5.56 -11.59
CA ALA A 193 -10.77 6.73 -11.90
C ALA A 193 -10.28 7.47 -10.66
N LYS A 194 -11.14 7.58 -9.64
CA LYS A 194 -10.75 8.25 -8.40
C LYS A 194 -9.70 7.45 -7.64
N MET A 195 -9.98 6.17 -7.43
CA MET A 195 -9.06 5.32 -6.70
C MET A 195 -7.66 5.37 -7.30
N ILE A 196 -7.58 5.14 -8.61
CA ILE A 196 -6.30 5.13 -9.30
C ILE A 196 -5.62 6.51 -9.32
N ASP A 197 -6.42 7.57 -9.30
CA ASP A 197 -5.87 8.93 -9.29
C ASP A 197 -5.16 9.17 -7.97
N GLU A 198 -5.84 8.82 -6.88
CA GLU A 198 -5.29 8.99 -5.56
C GLU A 198 -4.18 7.99 -5.26
N ARG A 199 -4.33 6.77 -5.73
CA ARG A 199 -3.30 5.77 -5.47
C ARG A 199 -2.02 6.19 -6.18
N GLN A 200 -2.20 6.76 -7.36
CA GLN A 200 -1.07 7.21 -8.16
C GLN A 200 -0.25 8.29 -7.46
N GLN A 201 -0.93 9.21 -6.79
CA GLN A 201 -0.24 10.29 -6.10
C GLN A 201 0.63 9.78 -4.95
N GLU A 202 0.36 8.55 -4.51
CA GLU A 202 1.10 7.95 -3.39
C GLU A 202 2.34 7.16 -3.78
N LEU A 203 2.43 6.75 -5.04
CA LEU A 203 3.57 5.97 -5.48
C LEU A 203 4.87 6.74 -5.37
N THR A 204 5.92 5.98 -5.09
CA THR A 204 7.25 6.52 -4.89
C THR A 204 8.13 6.23 -6.11
N HIS A 205 7.51 5.70 -7.16
CA HIS A 205 8.23 5.41 -8.38
C HIS A 205 7.59 6.17 -9.54
N GLN A 206 8.38 7.03 -10.15
CA GLN A 206 7.94 7.84 -11.29
C GLN A 206 7.25 7.02 -12.39
N GLU A 207 7.98 6.04 -12.92
CA GLU A 207 7.48 5.19 -14.00
C GLU A 207 6.15 4.53 -13.73
N HIS A 208 5.89 4.17 -12.48
CA HIS A 208 4.64 3.50 -12.13
C HIS A 208 3.51 4.51 -12.14
N ARG A 209 3.75 5.69 -11.59
CA ARG A 209 2.68 6.68 -11.60
C ARG A 209 2.34 6.90 -13.07
N VAL A 210 3.36 7.21 -13.88
CA VAL A 210 3.19 7.46 -15.31
C VAL A 210 2.35 6.39 -16.01
N MET A 211 2.76 5.12 -15.88
CA MET A 211 2.04 4.02 -16.52
C MET A 211 0.57 4.00 -16.13
N LEU A 212 0.27 4.20 -14.85
CA LEU A 212 -1.11 4.19 -14.39
C LEU A 212 -1.92 5.31 -14.99
N VAL A 213 -1.40 6.54 -14.90
CA VAL A 213 -2.08 7.71 -15.42
C VAL A 213 -2.38 7.60 -16.90
N ASN A 214 -1.45 7.02 -17.66
CA ASN A 214 -1.65 6.86 -19.10
C ASN A 214 -2.74 5.85 -19.36
N SER A 215 -2.66 4.70 -18.71
CA SER A 215 -3.66 3.66 -18.89
C SER A 215 -5.04 4.19 -18.55
N MET A 216 -5.12 4.97 -17.49
CA MET A 216 -6.40 5.52 -17.06
C MET A 216 -6.90 6.57 -18.04
N ASN A 217 -5.97 7.31 -18.63
CA ASN A 217 -6.34 8.34 -19.59
C ASN A 217 -6.80 7.68 -20.87
N THR A 218 -6.07 6.67 -21.29
CA THR A 218 -6.45 5.96 -22.49
C THR A 218 -7.84 5.37 -22.32
N VAL A 219 -8.14 4.92 -21.10
CA VAL A 219 -9.44 4.34 -20.82
C VAL A 219 -10.54 5.42 -20.75
N LYS A 220 -10.24 6.57 -20.15
CA LYS A 220 -11.22 7.63 -20.04
C LYS A 220 -11.71 8.10 -21.40
N GLU A 221 -10.80 8.13 -22.37
CA GLU A 221 -11.18 8.59 -23.69
C GLU A 221 -11.76 7.50 -24.57
N LEU A 222 -11.59 6.24 -24.17
CA LEU A 222 -12.16 5.16 -24.95
C LEU A 222 -13.62 4.95 -24.57
N LEU A 223 -14.05 5.50 -23.44
CA LEU A 223 -15.43 5.32 -23.01
C LEU A 223 -16.40 5.87 -24.06
N PRO A 224 -16.26 7.15 -24.43
CA PRO A 224 -17.16 7.74 -25.42
C PRO A 224 -17.12 6.93 -26.72
N VAL A 225 -15.98 6.32 -26.98
CA VAL A 225 -15.80 5.51 -28.18
C VAL A 225 -16.52 4.17 -28.09
N LEU A 226 -16.56 3.59 -26.89
CA LEU A 226 -17.24 2.30 -26.69
C LEU A 226 -18.74 2.53 -26.87
N ILE A 227 -19.23 3.61 -26.25
CA ILE A 227 -20.63 3.98 -26.31
C ILE A 227 -21.07 4.23 -27.75
N SER A 228 -20.22 4.91 -28.53
CA SER A 228 -20.54 5.19 -29.93
C SER A 228 -20.51 3.88 -30.68
N ALA A 229 -19.49 3.08 -30.41
CA ALA A 229 -19.34 1.80 -31.07
C ALA A 229 -20.59 0.98 -30.82
N MET A 230 -21.15 1.11 -29.61
CA MET A 230 -22.36 0.38 -29.24
C MET A 230 -23.60 0.96 -29.88
N LYS A 231 -23.72 2.28 -29.85
CA LYS A 231 -24.88 2.91 -30.47
C LYS A 231 -24.92 2.51 -31.94
N ILE A 232 -23.75 2.49 -32.56
CA ILE A 232 -23.60 2.12 -33.96
C ILE A 232 -24.15 0.74 -34.21
N PHE A 233 -23.78 -0.19 -33.34
CA PHE A 233 -24.22 -1.57 -33.46
C PHE A 233 -25.73 -1.73 -33.28
N VAL A 234 -26.26 -1.25 -32.17
CA VAL A 234 -27.69 -1.37 -31.90
C VAL A 234 -28.50 -0.82 -33.06
N THR A 235 -28.04 0.29 -33.62
CA THR A 235 -28.72 0.92 -34.75
C THR A 235 -28.75 -0.02 -35.96
N THR A 236 -27.58 -0.42 -36.42
CA THR A 236 -27.50 -1.31 -37.56
C THR A 236 -28.14 -2.65 -37.21
N LYS A 237 -28.18 -2.98 -35.93
CA LYS A 237 -28.78 -4.23 -35.49
C LYS A 237 -30.29 -4.12 -35.48
N ASN A 238 -30.79 -2.91 -35.75
CA ASN A 238 -32.24 -2.69 -35.79
C ASN A 238 -32.66 -2.20 -37.15
N THR A 239 -31.69 -2.11 -38.06
CA THR A 239 -31.94 -1.69 -39.44
C THR A 239 -31.71 -2.90 -40.33
N LYS A 240 -32.73 -3.28 -41.09
CA LYS A 240 -32.65 -4.44 -41.98
C LYS A 240 -31.45 -4.42 -42.93
N SER A 241 -30.76 -3.29 -42.97
CA SER A 241 -29.58 -3.16 -43.82
C SER A 241 -28.33 -3.04 -42.94
N GLN A 242 -27.32 -2.35 -43.46
CA GLN A 242 -26.05 -2.14 -42.75
C GLN A 242 -25.19 -3.39 -42.59
N GLY A 243 -23.87 -3.21 -42.66
CA GLY A 243 -22.94 -4.32 -42.52
C GLY A 243 -22.55 -4.57 -41.07
N ILE A 244 -23.36 -5.38 -40.39
CA ILE A 244 -23.15 -5.71 -38.99
C ILE A 244 -21.76 -6.24 -38.61
N GLU A 245 -21.14 -7.04 -39.48
CA GLU A 245 -19.82 -7.57 -39.15
C GLU A 245 -18.88 -6.47 -38.70
N GLU A 246 -18.82 -5.39 -39.48
CA GLU A 246 -17.94 -4.26 -39.17
C GLU A 246 -18.15 -3.66 -37.79
N ALA A 247 -19.38 -3.27 -37.51
CA ALA A 247 -19.73 -2.69 -36.22
C ALA A 247 -19.28 -3.60 -35.09
N LEU A 248 -19.49 -4.90 -35.27
CA LEU A 248 -19.12 -5.90 -34.29
C LEU A 248 -17.62 -5.92 -34.03
N LYS A 249 -16.85 -6.12 -35.09
CA LYS A 249 -15.40 -6.19 -35.00
C LYS A 249 -14.83 -4.97 -34.27
N ASN A 250 -15.41 -3.81 -34.55
CA ASN A 250 -14.92 -2.59 -33.94
C ASN A 250 -15.34 -2.42 -32.48
N ARG A 251 -16.56 -2.79 -32.16
CA ARG A 251 -17.02 -2.66 -30.79
C ARG A 251 -16.17 -3.60 -29.95
N ASN A 252 -15.97 -4.79 -30.48
CA ASN A 252 -15.18 -5.78 -29.77
C ASN A 252 -13.74 -5.33 -29.64
N PHE A 253 -13.22 -4.70 -30.67
CA PHE A 253 -11.86 -4.23 -30.61
C PHE A 253 -11.73 -3.19 -29.50
N THR A 254 -12.74 -2.34 -29.37
CA THR A 254 -12.73 -1.31 -28.35
C THR A 254 -12.76 -1.93 -26.94
N VAL A 255 -13.53 -3.00 -26.78
CA VAL A 255 -13.62 -3.69 -25.50
C VAL A 255 -12.30 -4.43 -25.22
N GLU A 256 -11.74 -5.01 -26.26
CA GLU A 256 -10.49 -5.73 -26.11
C GLU A 256 -9.42 -4.73 -25.66
N LYS A 257 -9.47 -3.54 -26.24
CA LYS A 257 -8.52 -2.47 -25.94
C LYS A 257 -8.71 -1.86 -24.55
N MET A 258 -9.96 -1.74 -24.11
CA MET A 258 -10.22 -1.18 -22.79
C MET A 258 -9.79 -2.18 -21.75
N SER A 259 -10.01 -3.45 -22.04
CA SER A 259 -9.65 -4.49 -21.10
C SER A 259 -8.15 -4.59 -20.88
N ALA A 260 -7.40 -4.64 -21.97
CA ALA A 260 -5.95 -4.75 -21.87
C ALA A 260 -5.42 -3.63 -20.99
N GLU A 261 -5.97 -2.45 -21.18
CA GLU A 261 -5.54 -1.30 -20.41
C GLU A 261 -5.80 -1.55 -18.93
N ILE A 262 -7.02 -1.96 -18.62
CA ILE A 262 -7.40 -2.20 -17.23
C ILE A 262 -6.57 -3.31 -16.60
N ASN A 263 -6.16 -4.29 -17.40
CA ASN A 263 -5.35 -5.35 -16.85
C ASN A 263 -3.97 -4.79 -16.63
N GLU A 264 -3.57 -3.88 -17.50
CA GLU A 264 -2.26 -3.26 -17.35
C GLU A 264 -2.29 -2.52 -16.03
N ILE A 265 -3.39 -1.86 -15.76
CA ILE A 265 -3.54 -1.12 -14.52
C ILE A 265 -3.47 -2.04 -13.31
N ILE A 266 -4.07 -3.21 -13.43
CA ILE A 266 -4.06 -4.17 -12.35
C ILE A 266 -2.63 -4.65 -12.15
N ARG A 267 -1.96 -4.92 -13.26
CA ARG A 267 -0.58 -5.39 -13.21
C ARG A 267 0.27 -4.39 -12.46
N VAL A 268 0.23 -3.13 -12.88
CA VAL A 268 1.04 -2.08 -12.29
C VAL A 268 0.78 -1.83 -10.81
N LEU A 269 -0.47 -2.00 -10.38
CA LEU A 269 -0.79 -1.80 -8.98
C LEU A 269 -0.07 -2.80 -8.07
N GLN A 270 0.27 -3.96 -8.60
CA GLN A 270 0.95 -4.99 -7.81
C GLN A 270 2.46 -4.96 -7.96
N LEU A 271 2.98 -3.91 -8.59
CA LEU A 271 4.42 -3.81 -8.78
C LEU A 271 5.09 -3.32 -7.51
N THR A 272 6.09 -4.07 -7.07
CA THR A 272 6.82 -3.74 -5.86
C THR A 272 8.27 -4.21 -5.96
N SER A 273 9.17 -3.46 -5.32
CA SER A 273 10.60 -3.76 -5.33
C SER A 273 10.98 -4.66 -4.14
N LYS B 3 -9.46 2.52 7.93
CA LYS B 3 -9.27 3.82 8.61
C LYS B 3 -7.83 4.30 8.49
N LYS B 4 -7.49 5.30 9.29
CA LYS B 4 -6.16 5.87 9.31
C LYS B 4 -5.64 5.75 10.73
N GLU B 5 -6.42 5.09 11.58
CA GLU B 5 -6.01 4.91 12.96
C GLU B 5 -4.80 4.00 13.03
N LEU B 6 -4.82 2.97 12.19
CA LEU B 6 -3.72 2.03 12.15
C LEU B 6 -2.44 2.78 11.75
N ILE B 7 -2.51 3.53 10.66
CA ILE B 7 -1.36 4.28 10.17
C ILE B 7 -0.83 5.32 11.16
N GLU B 8 -1.70 5.84 12.01
CA GLU B 8 -1.27 6.84 13.00
C GLU B 8 -0.51 6.20 14.17
N SER B 9 -0.99 5.07 14.65
CA SER B 9 -0.33 4.39 15.76
C SER B 9 1.02 3.83 15.30
N ALA B 10 1.12 3.56 14.00
CA ALA B 10 2.37 3.06 13.45
C ALA B 10 3.34 4.21 13.42
N ARG B 11 2.82 5.41 13.21
CA ARG B 11 3.66 6.61 13.17
C ARG B 11 4.20 6.93 14.56
N LYS B 12 3.41 6.66 15.60
CA LYS B 12 3.85 6.90 16.98
C LYS B 12 5.01 5.98 17.33
N VAL B 13 4.82 4.67 17.19
CA VAL B 13 5.87 3.71 17.50
C VAL B 13 7.14 4.19 16.86
N SER B 14 7.01 4.66 15.63
CA SER B 14 8.15 5.16 14.90
C SER B 14 8.75 6.39 15.57
N GLU B 15 7.92 7.34 15.95
CA GLU B 15 8.40 8.55 16.60
C GLU B 15 8.91 8.27 18.01
N LYS B 16 8.34 7.27 18.66
CA LYS B 16 8.78 6.93 20.00
C LYS B 16 10.12 6.23 19.94
N VAL B 17 10.34 5.45 18.88
CA VAL B 17 11.60 4.74 18.70
C VAL B 17 12.65 5.75 18.31
N SER B 18 12.25 6.67 17.43
CA SER B 18 13.13 7.73 16.98
C SER B 18 13.67 8.47 18.19
N HIS B 19 12.76 8.79 19.12
CA HIS B 19 13.15 9.50 20.34
C HIS B 19 14.20 8.68 21.07
N VAL B 20 14.07 7.36 21.03
CA VAL B 20 15.05 6.51 21.69
C VAL B 20 16.41 6.68 21.05
N LEU B 21 16.47 6.69 19.73
CA LEU B 21 17.76 6.84 19.05
C LEU B 21 18.29 8.26 19.22
N ALA B 22 17.37 9.22 19.38
CA ALA B 22 17.74 10.63 19.57
C ALA B 22 18.51 10.80 20.88
N ALA B 23 18.19 9.95 21.85
CA ALA B 23 18.88 9.98 23.14
C ALA B 23 20.29 9.43 22.98
N LEU B 24 20.47 8.60 21.95
CA LEU B 24 21.77 8.01 21.65
C LEU B 24 22.47 9.02 20.76
N GLN B 25 21.88 10.19 20.64
CA GLN B 25 22.40 11.27 19.80
C GLN B 25 22.54 10.79 18.37
N ALA B 26 21.72 9.81 17.99
CA ALA B 26 21.74 9.24 16.65
C ALA B 26 20.58 9.75 15.78
#